data_4XVY
#
_entry.id   4XVY
#
_cell.length_a   50.057
_cell.length_b   89.892
_cell.length_c   127.655
_cell.angle_alpha   90.00
_cell.angle_beta   90.00
_cell.angle_gamma   90.00
#
_symmetry.space_group_name_H-M   'P 21 21 21'
#
loop_
_entity.id
_entity.type
_entity.pdbx_description
1 polymer "Mycinamicin III 3''-O-methyltransferase"
2 non-polymer 'MAGNESIUM ION'
3 non-polymer S-ADENOSYL-L-HOMOCYSTEINE
4 water water
#
_entity_poly.entity_id   1
_entity_poly.type   'polypeptide(L)'
_entity_poly.pdbx_seq_one_letter_code
;MGSSHHHHHHSSGLVPRGSHMSPSTGVELYLDLLKRTVSNFIYQDATHVAGLITEAAFVEEARESGEDYPTVAHTMIGMK
RLNNLQHCVESALRDGVPGDVLETGVWRGGACIFARGILKAYDVRDRTVWVADSFQGFPKITDDDHPMDAEMNLHQYNEA
VDLPTSLATVQRNFSRYGLLDDQVRFLPGWFKDTMPTAPFERLAVLRMDGDSYGATMDVLTHAYPRLSPGGFAIIDDYCI
PACREAVHEYRDRHGISDEIVEIDRQGVYWRRSA
;
_entity_poly.pdbx_strand_id   A,B
#
# COMPACT_ATOMS: atom_id res chain seq x y z
N SER A 24 -8.39 -14.12 9.29
CA SER A 24 -7.16 -13.28 8.97
C SER A 24 -6.68 -12.47 10.22
N THR A 25 -5.47 -12.77 10.70
CA THR A 25 -4.90 -12.12 11.87
C THR A 25 -4.25 -10.85 11.31
N GLY A 26 -3.94 -9.91 12.18
CA GLY A 26 -3.38 -8.63 11.74
C GLY A 26 -2.09 -8.77 10.98
N VAL A 27 -1.29 -9.75 11.38
CA VAL A 27 -0.05 -10.03 10.72
C VAL A 27 -0.29 -10.44 9.26
N GLU A 28 -1.20 -11.40 9.04
CA GLU A 28 -1.50 -11.88 7.67
C GLU A 28 -1.95 -10.74 6.76
N LEU A 29 -2.81 -9.85 7.29
CA LEU A 29 -3.30 -8.69 6.52
C LEU A 29 -2.19 -7.71 6.14
N TYR A 30 -1.37 -7.38 7.13
CA TYR A 30 -0.26 -6.44 6.94
C TYR A 30 0.67 -6.93 5.86
N LEU A 31 1.12 -8.17 6.02
CA LEU A 31 2.11 -8.73 5.08
C LEU A 31 1.51 -8.87 3.73
N ASP A 32 0.27 -9.32 3.71
CA ASP A 32 -0.40 -9.41 2.43
C ASP A 32 -0.53 -8.05 1.77
N LEU A 33 -0.86 -7.06 2.55
CA LEU A 33 -1.00 -5.75 1.99
C LEU A 33 0.35 -5.22 1.55
N LEU A 34 1.35 -5.46 2.35
CA LEU A 34 2.68 -5.02 2.01
C LEU A 34 3.13 -5.60 0.67
N LYS A 35 2.89 -6.89 0.47
CA LYS A 35 3.26 -7.50 -0.80
C LYS A 35 2.57 -6.81 -1.94
N ARG A 36 1.26 -6.57 -1.79
CA ARG A 36 0.48 -5.96 -2.87
C ARG A 36 0.92 -4.55 -3.12
N THR A 37 1.39 -3.93 -2.05
CA THR A 37 1.89 -2.59 -2.12
C THR A 37 3.31 -2.46 -2.73
N VAL A 38 4.28 -3.25 -2.32
CA VAL A 38 5.60 -3.07 -2.94
C VAL A 38 5.60 -3.42 -4.43
N SER A 39 4.77 -4.39 -4.80
CA SER A 39 4.58 -4.77 -6.20
C SER A 39 3.55 -3.90 -6.92
N ASN A 40 2.84 -3.08 -6.15
CA ASN A 40 1.86 -2.13 -6.66
C ASN A 40 0.80 -2.79 -7.51
N PHE A 41 0.26 -3.87 -6.94
CA PHE A 41 -0.99 -4.42 -7.39
C PHE A 41 -2.17 -3.47 -7.10
N ILE A 42 -1.99 -2.58 -6.12
CA ILE A 42 -2.99 -1.65 -5.72
C ILE A 42 -3.25 -0.66 -6.83
N TYR A 43 -2.22 -0.03 -7.34
CA TYR A 43 -2.43 1.02 -8.36
C TYR A 43 -2.03 0.60 -9.77
N GLN A 44 -1.31 -0.51 -9.89
CA GLN A 44 -1.03 -1.13 -11.19
C GLN A 44 -0.38 -0.23 -12.21
N ASP A 45 0.86 0.15 -11.91
CA ASP A 45 1.60 1.08 -12.73
C ASP A 45 2.10 0.43 -14.00
N ALA A 46 2.34 1.27 -15.00
CA ALA A 46 2.87 0.85 -16.30
C ALA A 46 4.25 0.17 -16.17
N THR A 47 4.56 -0.64 -17.17
CA THR A 47 5.85 -1.29 -17.33
C THR A 47 6.70 -0.46 -18.28
N HIS A 48 8.01 -0.41 -18.01
CA HIS A 48 9.00 0.02 -19.01
C HIS A 48 9.01 -0.96 -20.20
N VAL A 49 9.32 -0.43 -21.38
CA VAL A 49 9.37 -1.25 -22.58
C VAL A 49 10.79 -1.77 -22.83
N ALA A 50 11.01 -3.06 -22.61
CA ALA A 50 12.33 -3.61 -22.78
C ALA A 50 12.29 -5.13 -22.85
N GLY A 51 13.32 -5.70 -23.50
CA GLY A 51 13.46 -7.14 -23.64
C GLY A 51 12.17 -7.75 -24.18
N LEU A 52 11.67 -8.78 -23.51
CA LEU A 52 10.43 -9.46 -23.90
C LEU A 52 9.15 -8.67 -23.53
N ILE A 53 9.06 -7.39 -23.92
CA ILE A 53 7.93 -6.50 -23.54
C ILE A 53 7.55 -5.53 -24.67
N ALA A 57 2.21 -0.85 -20.31
CA ALA A 57 0.83 -1.28 -19.99
C ALA A 57 0.77 -2.40 -18.94
N PHE A 58 0.01 -2.22 -17.83
CA PHE A 58 0.00 -3.19 -16.71
C PHE A 58 -0.69 -4.50 -17.07
N VAL A 59 -0.03 -5.62 -16.82
CA VAL A 59 -0.57 -6.93 -17.11
C VAL A 59 -0.52 -7.71 -15.78
N GLU A 60 -1.67 -8.18 -15.29
CA GLU A 60 -1.78 -8.83 -13.99
C GLU A 60 -0.95 -10.11 -13.84
N GLU A 61 -0.97 -10.94 -14.86
CA GLU A 61 -0.23 -12.19 -14.86
C GLU A 61 1.31 -11.94 -14.85
N ALA A 62 1.75 -10.84 -15.47
CA ALA A 62 3.16 -10.47 -15.49
C ALA A 62 3.68 -9.93 -14.13
N ARG A 63 2.88 -9.13 -13.46
CA ARG A 63 3.28 -8.67 -12.15
C ARG A 63 3.21 -9.82 -11.13
N GLU A 64 2.28 -10.75 -11.33
CA GLU A 64 2.11 -11.88 -10.41
C GLU A 64 3.41 -12.71 -10.35
N SER A 65 4.09 -12.79 -11.49
CA SER A 65 5.26 -13.65 -11.65
C SER A 65 6.60 -12.89 -11.83
N GLY A 66 6.56 -11.57 -11.84
CA GLY A 66 7.75 -10.77 -11.81
C GLY A 66 8.37 -10.66 -13.16
N GLU A 67 7.57 -10.62 -14.20
CA GLU A 67 8.08 -10.68 -15.59
C GLU A 67 8.15 -9.33 -16.29
N ASP A 68 7.84 -8.26 -15.57
CA ASP A 68 7.83 -6.93 -16.17
C ASP A 68 8.70 -5.94 -15.39
N TYR A 69 8.88 -4.78 -16.01
CA TYR A 69 9.74 -3.73 -15.51
C TYR A 69 8.96 -2.50 -15.09
N PRO A 70 8.51 -2.47 -13.83
CA PRO A 70 7.65 -1.42 -13.35
C PRO A 70 8.23 -0.02 -13.43
N THR A 71 7.42 0.94 -13.87
CA THR A 71 7.82 2.34 -13.90
C THR A 71 7.83 2.97 -12.53
N VAL A 72 6.99 2.47 -11.62
CA VAL A 72 6.85 3.08 -10.30
C VAL A 72 7.05 2.09 -9.13
N ALA A 73 6.68 0.83 -9.31
CA ALA A 73 6.66 -0.10 -8.18
C ALA A 73 8.01 -0.25 -7.55
N HIS A 74 8.01 -0.59 -6.28
CA HIS A 74 9.25 -0.62 -5.53
C HIS A 74 10.06 -1.91 -5.65
N THR A 75 9.46 -2.94 -6.25
CA THR A 75 10.16 -4.14 -6.60
C THR A 75 9.68 -4.61 -7.96
N MET A 76 10.56 -5.35 -8.65
CA MET A 76 10.24 -6.02 -9.94
C MET A 76 10.11 -7.53 -9.85
N ILE A 77 10.23 -8.10 -8.66
CA ILE A 77 10.28 -9.56 -8.51
C ILE A 77 8.91 -10.24 -8.56
N GLY A 78 7.84 -9.45 -8.47
CA GLY A 78 6.48 -10.00 -8.53
C GLY A 78 6.12 -10.83 -7.30
N MET A 79 4.88 -11.29 -7.33
CA MET A 79 4.21 -11.84 -6.16
C MET A 79 4.66 -13.22 -5.76
N LYS A 80 5.04 -14.04 -6.72
CA LYS A 80 5.47 -15.38 -6.39
C LYS A 80 6.78 -15.35 -5.65
N ARG A 81 7.71 -14.55 -6.15
CA ARG A 81 8.98 -14.35 -5.45
C ARG A 81 8.88 -13.62 -4.09
N LEU A 82 7.91 -12.70 -3.95
CA LEU A 82 7.64 -12.09 -2.65
C LEU A 82 7.12 -13.14 -1.69
N ASN A 83 6.17 -13.94 -2.16
CA ASN A 83 5.69 -15.06 -1.36
C ASN A 83 6.81 -16.01 -0.95
N ASN A 84 7.72 -16.27 -1.89
CA ASN A 84 8.85 -17.13 -1.58
C ASN A 84 9.66 -16.49 -0.45
N LEU A 85 9.97 -15.21 -0.63
CA LEU A 85 10.74 -14.51 0.38
C LEU A 85 10.08 -14.61 1.75
N GLN A 86 8.76 -14.45 1.77
CA GLN A 86 8.07 -14.52 3.03
C GLN A 86 8.20 -15.89 3.66
N HIS A 87 8.13 -16.92 2.82
CA HIS A 87 8.20 -18.31 3.28
C HIS A 87 9.55 -18.57 3.92
N CYS A 88 10.59 -18.12 3.25
CA CYS A 88 11.97 -18.28 3.74
C CYS A 88 12.18 -17.56 5.10
N VAL A 89 11.76 -16.30 5.21
CA VAL A 89 11.95 -15.58 6.46
C VAL A 89 11.12 -16.20 7.57
N GLU A 90 9.85 -16.48 7.29
CA GLU A 90 8.98 -17.05 8.29
C GLU A 90 9.50 -18.39 8.74
N SER A 91 9.89 -19.24 7.79
CA SER A 91 10.46 -20.56 8.10
C SER A 91 11.59 -20.44 9.10
N ALA A 92 12.49 -19.49 8.82
CA ALA A 92 13.67 -19.27 9.63
C ALA A 92 13.33 -18.90 11.06
N LEU A 93 12.43 -17.95 11.20
CA LEU A 93 12.07 -17.46 12.52
C LEU A 93 11.48 -18.58 13.31
N ARG A 94 10.50 -19.24 12.71
CA ARG A 94 9.81 -20.34 13.35
C ARG A 94 10.82 -21.38 13.80
N ASP A 95 11.67 -21.80 12.87
CA ASP A 95 12.59 -22.92 13.13
C ASP A 95 13.90 -22.49 13.83
N GLY A 96 13.95 -21.28 14.39
CA GLY A 96 15.10 -20.85 15.19
C GLY A 96 16.41 -20.67 14.45
N VAL A 97 16.37 -20.67 13.13
CA VAL A 97 17.56 -20.47 12.32
C VAL A 97 18.15 -19.08 12.55
N PRO A 98 19.39 -19.00 13.08
CA PRO A 98 19.92 -17.70 13.44
C PRO A 98 20.46 -16.93 12.22
N GLY A 99 20.42 -15.61 12.33
CA GLY A 99 21.04 -14.77 11.32
C GLY A 99 20.16 -13.68 10.72
N ASP A 100 20.80 -12.84 9.91
CA ASP A 100 20.18 -11.70 9.27
C ASP A 100 19.63 -12.09 7.91
N VAL A 101 19.10 -11.12 7.19
CA VAL A 101 18.60 -11.31 5.86
C VAL A 101 19.42 -10.45 4.95
N LEU A 102 19.85 -10.92 3.79
CA LEU A 102 20.58 -10.02 2.93
C LEU A 102 20.11 -10.13 1.52
N GLU A 103 19.88 -9.02 0.86
CA GLU A 103 19.60 -9.08 -0.55
C GLU A 103 20.70 -8.41 -1.30
N THR A 104 21.27 -9.10 -2.27
CA THR A 104 22.26 -8.50 -3.12
C THR A 104 21.60 -8.12 -4.42
N GLY A 105 21.35 -6.83 -4.59
CA GLY A 105 20.64 -6.33 -5.77
C GLY A 105 19.22 -6.01 -5.34
N VAL A 106 18.94 -4.75 -5.05
CA VAL A 106 17.67 -4.36 -4.42
C VAL A 106 16.79 -3.41 -5.21
N TRP A 107 17.39 -2.81 -6.24
CA TRP A 107 16.74 -1.85 -7.10
C TRP A 107 16.14 -0.76 -6.24
N ARG A 108 14.82 -0.60 -6.23
CA ARG A 108 14.20 0.47 -5.46
C ARG A 108 13.96 0.04 -4.02
N GLY A 109 14.16 -1.23 -3.72
CA GLY A 109 14.22 -1.65 -2.33
C GLY A 109 13.08 -2.46 -1.83
N GLY A 110 12.04 -2.60 -2.67
CA GLY A 110 10.79 -3.29 -2.34
C GLY A 110 10.92 -4.60 -1.56
N ALA A 111 11.85 -5.44 -1.99
CA ALA A 111 11.95 -6.73 -1.40
C ALA A 111 12.54 -6.65 -0.04
N CYS A 112 13.51 -5.75 0.13
CA CYS A 112 14.07 -5.48 1.45
C CYS A 112 13.09 -4.79 2.35
N ILE A 113 12.31 -3.88 1.76
CA ILE A 113 11.22 -3.24 2.52
C ILE A 113 10.27 -4.27 3.08
N PHE A 114 9.86 -5.20 2.21
CA PHE A 114 8.99 -6.27 2.60
C PHE A 114 9.59 -7.15 3.70
N ALA A 115 10.86 -7.48 3.49
CA ALA A 115 11.63 -8.24 4.46
C ALA A 115 11.74 -7.54 5.83
N ARG A 116 12.04 -6.25 5.82
CA ARG A 116 12.00 -5.48 7.07
C ARG A 116 10.56 -5.52 7.67
N GLY A 117 9.56 -5.41 6.80
CA GLY A 117 8.18 -5.57 7.21
C GLY A 117 7.94 -6.87 7.94
N ILE A 118 8.43 -7.97 7.38
CA ILE A 118 8.15 -9.25 7.97
C ILE A 118 8.65 -9.27 9.41
N LEU A 119 9.82 -8.70 9.62
CA LEU A 119 10.42 -8.71 10.94
C LEU A 119 9.66 -7.83 11.89
N LYS A 120 9.19 -6.71 11.37
CA LYS A 120 8.37 -5.78 12.16
C LYS A 120 7.08 -6.44 12.61
N ALA A 121 6.41 -7.06 11.66
CA ALA A 121 5.18 -7.80 11.91
C ALA A 121 5.32 -8.78 13.10
N TYR A 122 6.38 -9.56 13.17
CA TYR A 122 6.57 -10.48 14.29
C TYR A 122 7.41 -9.86 15.41
N ASP A 123 7.63 -8.55 15.34
CA ASP A 123 8.30 -7.82 16.41
C ASP A 123 9.61 -8.48 16.76
N VAL A 124 10.48 -8.53 15.76
CA VAL A 124 11.82 -9.05 15.92
C VAL A 124 12.79 -7.89 15.92
N ARG A 125 13.59 -7.79 16.98
CA ARG A 125 14.55 -6.70 17.11
C ARG A 125 16.00 -7.18 17.14
N ASP A 126 16.23 -8.48 16.98
CA ASP A 126 17.57 -9.05 17.02
C ASP A 126 18.15 -9.40 15.63
N ARG A 127 17.44 -9.06 14.55
CA ARG A 127 17.93 -9.33 13.22
C ARG A 127 17.90 -8.09 12.37
N THR A 128 18.75 -8.06 11.37
CA THR A 128 18.92 -6.93 10.48
C THR A 128 18.66 -7.31 9.01
N VAL A 129 18.26 -6.32 8.24
CA VAL A 129 18.06 -6.48 6.80
C VAL A 129 19.18 -5.71 6.15
N TRP A 130 19.97 -6.43 5.38
CA TRP A 130 21.13 -5.86 4.74
C TRP A 130 20.79 -5.58 3.31
N VAL A 131 21.10 -4.40 2.84
CA VAL A 131 20.63 -3.93 1.53
C VAL A 131 21.82 -3.60 0.65
N ALA A 132 22.20 -4.53 -0.22
CA ALA A 132 23.44 -4.41 -0.92
C ALA A 132 23.26 -4.06 -2.38
N ASP A 133 23.99 -3.07 -2.88
CA ASP A 133 23.84 -2.67 -4.27
C ASP A 133 24.90 -1.65 -4.67
N SER A 134 25.25 -1.69 -5.94
CA SER A 134 26.00 -0.59 -6.54
C SER A 134 25.28 0.74 -6.21
N PHE A 135 23.95 0.73 -6.32
CA PHE A 135 23.12 1.92 -6.26
C PHE A 135 23.36 2.76 -7.50
N GLN A 136 23.88 2.09 -8.53
CA GLN A 136 24.14 2.72 -9.83
C GLN A 136 23.75 1.81 -10.99
N GLY A 137 23.05 0.71 -10.72
CA GLY A 137 22.68 -0.23 -11.77
C GLY A 137 23.76 -1.24 -12.06
N PHE A 138 23.72 -1.83 -13.25
CA PHE A 138 24.73 -2.81 -13.65
C PHE A 138 26.10 -2.24 -13.97
N PRO A 139 27.17 -3.00 -13.64
CA PRO A 139 28.53 -2.54 -13.90
C PRO A 139 28.83 -2.47 -15.38
N LYS A 140 29.67 -1.50 -15.76
CA LYS A 140 30.25 -1.48 -17.10
C LYS A 140 31.09 -2.76 -17.24
N ILE A 141 31.09 -3.33 -18.44
CA ILE A 141 31.84 -4.57 -18.70
C ILE A 141 33.34 -4.31 -18.89
N THR A 142 34.15 -5.08 -18.16
CA THR A 142 35.61 -5.06 -18.26
C THR A 142 36.08 -6.36 -18.95
N ASP A 143 37.38 -6.43 -19.23
CA ASP A 143 37.98 -7.62 -19.83
C ASP A 143 38.16 -8.72 -18.75
N ASP A 144 38.13 -8.35 -17.47
CA ASP A 144 37.96 -9.31 -16.36
C ASP A 144 36.68 -10.14 -16.49
N ASP A 145 35.60 -9.49 -16.93
CA ASP A 145 34.27 -10.11 -16.84
C ASP A 145 34.19 -11.46 -17.55
N HIS A 146 33.37 -12.38 -17.01
CA HIS A 146 33.06 -13.69 -17.60
C HIS A 146 32.48 -13.48 -19.01
N PRO A 147 32.86 -14.34 -19.99
CA PRO A 147 32.34 -14.21 -21.38
C PRO A 147 30.82 -13.93 -21.50
N MET A 148 30.01 -14.73 -20.81
CA MET A 148 28.55 -14.59 -20.83
C MET A 148 28.09 -13.21 -20.35
N ASP A 149 28.63 -12.76 -19.22
CA ASP A 149 28.36 -11.39 -18.71
C ASP A 149 28.75 -10.31 -19.74
N ALA A 150 29.74 -10.61 -20.57
CA ALA A 150 30.17 -9.72 -21.65
C ALA A 150 29.20 -9.78 -22.81
N GLU A 151 28.76 -10.99 -23.14
CA GLU A 151 27.80 -11.18 -24.22
C GLU A 151 26.50 -10.43 -23.96
N MET A 152 26.10 -10.35 -22.69
CA MET A 152 24.83 -9.74 -22.23
C MET A 152 24.86 -8.22 -22.10
N ASN A 153 26.00 -7.74 -21.63
CA ASN A 153 26.18 -6.34 -21.26
C ASN A 153 24.91 -5.76 -20.59
N LEU A 154 24.61 -6.25 -19.40
CA LEU A 154 23.42 -5.85 -18.69
C LEU A 154 23.43 -4.35 -18.42
N HIS A 155 24.63 -3.78 -18.36
CA HIS A 155 24.81 -2.34 -18.22
C HIS A 155 23.99 -1.50 -19.21
N GLN A 156 23.82 -1.98 -20.44
CA GLN A 156 23.09 -1.20 -21.48
C GLN A 156 21.59 -0.97 -21.17
N TYR A 157 21.00 -1.86 -20.38
CA TYR A 157 19.57 -1.78 -20.07
C TYR A 157 19.25 -0.85 -18.90
N ASN A 158 20.27 -0.21 -18.34
CA ASN A 158 20.12 0.64 -17.15
C ASN A 158 19.16 1.83 -17.31
N GLU A 159 19.36 2.63 -18.36
CA GLU A 159 18.53 3.79 -18.59
C GLU A 159 17.11 3.31 -18.87
N ALA A 160 17.01 2.27 -19.69
CA ALA A 160 15.73 1.76 -20.24
C ALA A 160 14.75 1.22 -19.18
N VAL A 161 15.31 0.74 -18.07
CA VAL A 161 14.54 0.13 -17.00
C VAL A 161 14.67 0.93 -15.68
N ASP A 162 15.28 2.12 -15.76
CA ASP A 162 15.45 3.01 -14.60
C ASP A 162 16.11 2.26 -13.40
N LEU A 163 17.20 1.56 -13.72
CA LEU A 163 17.85 0.67 -12.75
C LEU A 163 18.72 1.42 -11.75
N PRO A 164 19.54 2.39 -12.24
CA PRO A 164 20.33 3.23 -11.32
C PRO A 164 19.44 3.92 -10.31
N THR A 165 19.57 3.51 -9.05
CA THR A 165 18.73 3.98 -7.99
C THR A 165 19.61 4.23 -6.79
N SER A 166 19.60 5.49 -6.34
CA SER A 166 20.55 5.97 -5.36
C SER A 166 20.23 5.43 -3.99
N LEU A 167 21.25 5.32 -3.16
CA LEU A 167 21.04 4.91 -1.79
C LEU A 167 20.00 5.80 -1.15
N ALA A 168 20.02 7.10 -1.47
CA ALA A 168 19.10 8.08 -0.84
C ALA A 168 17.63 7.79 -1.19
N THR A 169 17.38 7.64 -2.50
CA THR A 169 16.09 7.22 -3.03
C THR A 169 15.58 5.93 -2.36
N VAL A 170 16.44 4.94 -2.24
CA VAL A 170 16.04 3.71 -1.58
C VAL A 170 15.65 3.91 -0.12
N GLN A 171 16.32 4.84 0.53
CA GLN A 171 16.08 5.10 1.95
C GLN A 171 14.79 5.80 2.20
N ARG A 172 14.51 6.70 1.28
CA ARG A 172 13.26 7.43 1.22
C ARG A 172 12.12 6.41 1.14
N ASN A 173 12.26 5.43 0.25
CA ASN A 173 11.21 4.47 0.04
C ASN A 173 10.96 3.71 1.33
N PHE A 174 11.99 3.16 1.94
CA PHE A 174 11.80 2.56 3.25
C PHE A 174 11.00 3.47 4.20
N SER A 175 11.34 4.75 4.22
CA SER A 175 10.65 5.69 5.10
C SER A 175 9.18 5.76 4.83
N ARG A 176 8.82 5.73 3.55
CA ARG A 176 7.43 5.83 3.16
C ARG A 176 6.57 4.71 3.75
N TYR A 177 7.14 3.57 4.05
CA TYR A 177 6.39 2.49 4.68
C TYR A 177 6.53 2.50 6.17
N GLY A 178 7.31 3.45 6.68
CA GLY A 178 7.61 3.55 8.12
C GLY A 178 8.56 2.48 8.61
N LEU A 179 9.46 2.07 7.75
CA LEU A 179 10.28 0.93 8.03
C LEU A 179 11.77 1.22 7.95
N LEU A 180 12.14 2.50 7.77
CA LEU A 180 13.56 2.86 7.71
C LEU A 180 14.05 3.02 9.12
N ASP A 181 14.86 2.10 9.62
CA ASP A 181 15.40 2.29 10.95
C ASP A 181 16.70 1.48 11.16
N ASP A 182 17.19 1.45 12.40
CA ASP A 182 18.53 0.93 12.69
C ASP A 182 18.66 -0.59 12.43
N GLN A 183 17.53 -1.30 12.24
CA GLN A 183 17.56 -2.67 11.69
C GLN A 183 17.58 -2.78 10.15
N VAL A 184 17.81 -1.68 9.44
CA VAL A 184 18.07 -1.72 8.03
C VAL A 184 19.45 -1.16 7.79
N ARG A 185 20.40 -1.95 7.31
CA ARG A 185 21.74 -1.42 7.08
C ARG A 185 22.08 -1.54 5.60
N PHE A 186 22.91 -0.63 5.10
CA PHE A 186 23.19 -0.53 3.66
C PHE A 186 24.62 -0.87 3.31
N LEU A 187 24.78 -1.54 2.17
CA LEU A 187 26.09 -1.90 1.64
C LEU A 187 26.25 -1.36 0.24
N PRO A 188 26.50 -0.05 0.13
CA PRO A 188 26.70 0.53 -1.20
C PRO A 188 28.04 0.12 -1.75
N GLY A 189 28.07 -0.24 -3.03
CA GLY A 189 29.27 -0.71 -3.70
C GLY A 189 29.03 -1.98 -4.50
N TRP A 190 30.03 -2.33 -5.30
CA TRP A 190 30.00 -3.57 -6.06
C TRP A 190 30.28 -4.71 -5.09
N PHE A 191 29.69 -5.87 -5.38
CA PHE A 191 29.68 -6.93 -4.41
C PHE A 191 31.08 -7.41 -4.13
N LYS A 192 31.92 -7.37 -5.17
CA LYS A 192 33.37 -7.69 -5.10
C LYS A 192 34.01 -7.03 -3.91
N ASP A 193 33.68 -5.75 -3.80
CA ASP A 193 34.28 -4.84 -2.85
C ASP A 193 33.58 -4.95 -1.48
N THR A 194 32.23 -4.95 -1.52
CA THR A 194 31.40 -4.84 -0.30
C THR A 194 31.19 -6.14 0.44
N MET A 195 31.22 -7.26 -0.27
CA MET A 195 30.82 -8.54 0.35
C MET A 195 31.83 -9.19 1.29
N PRO A 196 33.10 -9.32 0.85
CA PRO A 196 34.07 -10.13 1.59
C PRO A 196 34.27 -9.67 3.00
N THR A 197 34.14 -8.36 3.21
CA THR A 197 34.45 -7.69 4.46
C THR A 197 33.21 -7.05 5.10
N ALA A 198 32.02 -7.41 4.63
CA ALA A 198 30.79 -6.82 5.14
C ALA A 198 30.57 -7.19 6.60
N PRO A 199 30.06 -6.26 7.38
CA PRO A 199 29.97 -6.42 8.83
C PRO A 199 28.96 -7.40 9.43
N PHE A 200 28.38 -8.35 8.67
CA PHE A 200 27.37 -9.27 9.27
C PHE A 200 28.04 -10.58 9.61
N GLU A 201 27.61 -11.20 10.70
CA GLU A 201 28.22 -12.41 11.15
C GLU A 201 27.54 -13.66 10.56
N ARG A 202 26.20 -13.67 10.54
CA ARG A 202 25.43 -14.84 10.10
C ARG A 202 24.17 -14.45 9.30
N LEU A 203 23.79 -15.29 8.33
CA LEU A 203 22.57 -15.07 7.56
C LEU A 203 21.56 -16.19 7.75
N ALA A 204 20.28 -15.84 7.80
CA ALA A 204 19.19 -16.80 7.74
C ALA A 204 18.63 -16.88 6.32
N VAL A 205 18.71 -15.77 5.60
CA VAL A 205 18.24 -15.76 4.22
C VAL A 205 19.18 -14.95 3.36
N LEU A 206 19.63 -15.55 2.26
CA LEU A 206 20.48 -14.85 1.32
C LEU A 206 19.80 -14.76 -0.02
N ARG A 207 19.45 -13.54 -0.45
CA ARG A 207 18.67 -13.39 -1.68
C ARG A 207 19.58 -12.78 -2.70
N MET A 208 19.89 -13.56 -3.73
CA MET A 208 20.78 -13.10 -4.78
C MET A 208 20.04 -12.65 -6.01
N ASP A 209 20.22 -11.38 -6.39
CA ASP A 209 19.49 -10.80 -7.52
C ASP A 209 20.38 -9.88 -8.34
N GLY A 210 21.45 -10.44 -8.88
CA GLY A 210 22.37 -9.65 -9.67
C GLY A 210 22.29 -9.89 -11.17
N ASP A 211 21.53 -10.92 -11.56
CA ASP A 211 21.37 -11.34 -12.97
C ASP A 211 22.64 -12.01 -13.58
N SER A 212 23.83 -11.57 -13.23
CA SER A 212 25.07 -12.01 -13.89
C SER A 212 25.79 -13.18 -13.21
N TYR A 213 26.76 -13.75 -13.93
CA TYR A 213 27.69 -14.70 -13.36
C TYR A 213 28.47 -14.03 -12.25
N GLY A 214 29.05 -12.88 -12.57
CA GLY A 214 29.81 -12.10 -11.60
C GLY A 214 29.12 -11.84 -10.28
N ALA A 215 27.92 -11.27 -10.34
CA ALA A 215 27.23 -10.90 -9.12
C ALA A 215 26.91 -12.14 -8.31
N THR A 216 26.44 -13.15 -8.98
CA THR A 216 26.08 -14.37 -8.30
C THR A 216 27.29 -15.00 -7.68
N MET A 217 28.40 -14.99 -8.41
CA MET A 217 29.59 -15.71 -7.94
C MET A 217 30.21 -14.90 -6.82
N ASP A 218 30.29 -13.59 -7.02
CA ASP A 218 30.75 -12.69 -5.98
C ASP A 218 30.05 -12.97 -4.65
N VAL A 219 28.74 -13.20 -4.66
CA VAL A 219 27.99 -13.28 -3.43
C VAL A 219 27.95 -14.67 -2.83
N LEU A 220 27.84 -15.67 -3.68
CA LEU A 220 27.97 -17.05 -3.20
C LEU A 220 29.36 -17.26 -2.58
N THR A 221 30.39 -16.79 -3.27
CA THR A 221 31.77 -16.94 -2.79
C THR A 221 31.94 -16.32 -1.40
N HIS A 222 31.61 -15.04 -1.29
CA HIS A 222 31.93 -14.23 -0.10
C HIS A 222 30.87 -14.14 0.98
N ALA A 223 29.62 -14.44 0.59
CA ALA A 223 28.49 -14.40 1.52
C ALA A 223 27.89 -15.74 1.93
N TYR A 224 27.84 -16.70 1.02
CA TYR A 224 27.17 -17.98 1.34
C TYR A 224 27.73 -18.71 2.58
N PRO A 225 29.04 -18.65 2.81
CA PRO A 225 29.58 -19.35 3.96
C PRO A 225 28.98 -18.93 5.30
N ARG A 226 28.49 -17.69 5.38
CA ARG A 226 27.83 -17.15 6.57
C ARG A 226 26.33 -17.49 6.70
N LEU A 227 25.80 -18.19 5.69
CA LEU A 227 24.38 -18.63 5.72
C LEU A 227 24.20 -19.76 6.72
N SER A 228 23.53 -19.50 7.83
CA SER A 228 23.32 -20.52 8.83
C SER A 228 22.77 -21.81 8.23
N PRO A 229 23.15 -22.97 8.79
CA PRO A 229 22.48 -24.18 8.38
C PRO A 229 21.02 -24.05 8.74
N GLY A 230 20.15 -24.48 7.83
CA GLY A 230 18.73 -24.24 7.93
C GLY A 230 18.30 -23.00 7.15
N GLY A 231 19.24 -22.16 6.74
CA GLY A 231 18.91 -20.92 6.08
C GLY A 231 18.56 -21.15 4.65
N PHE A 232 18.23 -20.08 3.93
CA PHE A 232 17.73 -20.20 2.53
C PHE A 232 18.57 -19.34 1.59
N ALA A 233 18.83 -19.88 0.42
CA ALA A 233 19.55 -19.19 -0.62
C ALA A 233 18.62 -19.08 -1.79
N ILE A 234 18.41 -17.86 -2.26
CA ILE A 234 17.46 -17.62 -3.32
C ILE A 234 18.21 -17.04 -4.48
N ILE A 235 18.01 -17.65 -5.63
CA ILE A 235 18.56 -17.13 -6.87
C ILE A 235 17.38 -16.59 -7.63
N ASP A 236 17.38 -15.28 -7.86
CA ASP A 236 16.27 -14.61 -8.55
C ASP A 236 16.21 -14.92 -10.04
N ASP A 237 17.37 -15.17 -10.64
CA ASP A 237 17.51 -15.26 -12.09
C ASP A 237 18.13 -16.53 -12.61
N TYR A 238 17.77 -17.65 -12.02
CA TYR A 238 18.26 -18.94 -12.43
C TYR A 238 18.09 -19.21 -13.95
N CYS A 239 17.09 -18.60 -14.58
CA CYS A 239 16.82 -18.82 -16.01
C CYS A 239 17.88 -18.17 -16.89
N ILE A 240 18.62 -17.19 -16.35
CA ILE A 240 19.68 -16.55 -17.12
C ILE A 240 20.89 -17.47 -17.14
N PRO A 241 21.32 -17.91 -18.32
CA PRO A 241 22.39 -18.91 -18.29
C PRO A 241 23.61 -18.46 -17.47
N ALA A 242 24.07 -17.22 -17.65
CA ALA A 242 25.32 -16.80 -16.97
C ALA A 242 25.24 -17.08 -15.45
N CYS A 243 24.07 -16.80 -14.91
CA CYS A 243 23.75 -17.01 -13.50
C CYS A 243 23.69 -18.48 -13.09
N ARG A 244 22.93 -19.25 -13.87
CA ARG A 244 22.82 -20.67 -13.67
C ARG A 244 24.22 -21.33 -13.64
N GLU A 245 25.08 -20.92 -14.57
CA GLU A 245 26.46 -21.40 -14.59
C GLU A 245 27.13 -21.21 -13.26
N ALA A 246 27.01 -20.00 -12.73
CA ALA A 246 27.65 -19.66 -11.46
C ALA A 246 27.09 -20.50 -10.34
N VAL A 247 25.80 -20.73 -10.38
CA VAL A 247 25.20 -21.48 -9.32
C VAL A 247 25.72 -22.93 -9.30
N HIS A 248 25.94 -23.51 -10.47
CA HIS A 248 26.39 -24.90 -10.50
C HIS A 248 27.86 -25.05 -10.21
N GLU A 249 28.64 -24.20 -10.86
CA GLU A 249 30.05 -24.11 -10.56
C GLU A 249 30.27 -24.03 -9.03
N TYR A 250 29.56 -23.11 -8.39
CA TYR A 250 29.67 -22.97 -6.95
C TYR A 250 29.15 -24.22 -6.23
N ARG A 251 28.00 -24.74 -6.60
CA ARG A 251 27.48 -25.94 -5.90
C ARG A 251 28.37 -27.18 -6.06
N ASP A 252 28.95 -27.35 -7.25
CA ASP A 252 29.83 -28.49 -7.51
C ASP A 252 31.09 -28.33 -6.66
N ARG A 253 31.69 -27.16 -6.72
CA ARG A 253 32.88 -26.91 -5.95
C ARG A 253 32.71 -27.26 -4.49
N HIS A 254 31.56 -27.00 -3.89
CA HIS A 254 31.45 -27.14 -2.42
C HIS A 254 30.69 -28.35 -2.04
N GLY A 255 30.41 -29.19 -3.02
CA GLY A 255 29.66 -30.42 -2.80
C GLY A 255 28.28 -30.18 -2.27
N ILE A 256 27.65 -29.08 -2.69
CA ILE A 256 26.31 -28.76 -2.21
C ILE A 256 25.26 -29.47 -3.06
N SER A 257 24.42 -30.27 -2.42
CA SER A 257 23.42 -31.02 -3.18
C SER A 257 22.00 -30.77 -2.66
N ASP A 258 21.78 -29.64 -2.00
CA ASP A 258 20.48 -29.31 -1.46
C ASP A 258 19.56 -29.04 -2.64
N GLU A 259 18.37 -29.66 -2.65
CA GLU A 259 17.41 -29.59 -3.74
C GLU A 259 17.10 -28.16 -4.23
N ILE A 260 17.22 -27.95 -5.54
CA ILE A 260 16.87 -26.69 -6.16
C ILE A 260 15.39 -26.62 -6.49
N VAL A 261 14.65 -25.78 -5.78
CA VAL A 261 13.22 -25.71 -5.91
C VAL A 261 12.82 -24.47 -6.70
N GLU A 262 11.98 -24.66 -7.73
CA GLU A 262 11.59 -23.57 -8.63
C GLU A 262 10.49 -22.75 -7.97
N ILE A 263 10.49 -21.45 -8.26
CA ILE A 263 9.51 -20.56 -7.65
C ILE A 263 8.44 -20.12 -8.66
N ASP A 264 8.92 -19.68 -9.81
CA ASP A 264 8.13 -19.22 -10.95
C ASP A 264 8.93 -19.48 -12.22
N ARG A 265 8.84 -18.60 -13.24
CA ARG A 265 9.53 -18.82 -14.52
C ARG A 265 11.00 -18.55 -14.50
N GLN A 266 11.52 -17.96 -13.42
CA GLN A 266 12.96 -17.56 -13.34
C GLN A 266 13.68 -17.76 -12.00
N GLY A 267 12.96 -17.64 -10.89
CA GLY A 267 13.58 -17.83 -9.59
C GLY A 267 13.53 -19.23 -9.03
N VAL A 268 14.57 -19.59 -8.28
CA VAL A 268 14.67 -20.86 -7.57
C VAL A 268 15.28 -20.64 -6.21
N TYR A 269 15.18 -21.63 -5.33
CA TYR A 269 15.84 -21.53 -4.05
C TYR A 269 16.20 -22.90 -3.52
N TRP A 270 17.20 -22.95 -2.63
CA TRP A 270 17.40 -24.13 -1.82
C TRP A 270 17.57 -23.78 -0.37
N ARG A 271 17.27 -24.74 0.49
CA ARG A 271 17.51 -24.65 1.92
C ARG A 271 18.79 -25.38 2.26
N ARG A 272 19.66 -24.72 2.99
CA ARG A 272 20.95 -25.30 3.34
C ARG A 272 20.81 -26.31 4.47
N SER A 273 21.28 -27.52 4.25
CA SER A 273 21.50 -28.44 5.35
C SER A 273 23.00 -28.41 5.66
N ALA A 274 23.33 -28.82 6.88
CA ALA A 274 24.70 -28.81 7.41
C ALA A 274 25.80 -28.75 6.33
N SER B 24 3.42 -1.28 15.96
CA SER B 24 3.84 -2.32 16.97
C SER B 24 3.01 -3.66 16.87
N THR B 25 1.72 -3.66 17.25
CA THR B 25 0.80 -4.84 17.01
C THR B 25 0.54 -5.04 15.47
N GLY B 26 0.26 -6.26 15.02
CA GLY B 26 -0.02 -6.50 13.60
C GLY B 26 -1.19 -5.66 13.08
N VAL B 27 -2.17 -5.46 13.95
CA VAL B 27 -3.30 -4.61 13.64
C VAL B 27 -2.80 -3.20 13.34
N GLU B 28 -1.95 -2.66 14.21
CA GLU B 28 -1.47 -1.28 14.05
C GLU B 28 -0.75 -1.08 12.73
N LEU B 29 0.08 -2.06 12.37
CA LEU B 29 0.84 -2.03 11.14
C LEU B 29 -0.04 -2.08 9.90
N TYR B 30 -1.00 -2.99 9.92
CA TYR B 30 -1.90 -3.13 8.80
C TYR B 30 -2.64 -1.84 8.54
N LEU B 31 -3.29 -1.35 9.59
CA LEU B 31 -4.13 -0.17 9.48
C LEU B 31 -3.29 1.03 9.10
N ASP B 32 -2.12 1.13 9.74
CA ASP B 32 -1.22 2.18 9.35
C ASP B 32 -0.82 2.07 7.89
N LEU B 33 -0.55 0.86 7.43
CA LEU B 33 -0.15 0.69 6.06
C LEU B 33 -1.33 0.96 5.14
N LEU B 34 -2.50 0.51 5.56
CA LEU B 34 -3.69 0.74 4.75
C LEU B 34 -3.97 2.22 4.57
N LYS B 35 -3.85 2.98 5.64
CA LYS B 35 -3.98 4.41 5.50
C LYS B 35 -3.00 4.96 4.48
N ARG B 36 -1.71 4.57 4.57
CA ARG B 36 -0.66 5.15 3.73
C ARG B 36 -0.86 4.75 2.29
N THR B 37 -1.45 3.58 2.16
CA THR B 37 -1.78 3.02 0.86
C THR B 37 -3.04 3.68 0.22
N VAL B 38 -4.15 3.83 0.92
CA VAL B 38 -5.34 4.43 0.22
C VAL B 38 -5.10 5.88 -0.18
N SER B 39 -4.30 6.56 0.66
CA SER B 39 -3.88 7.93 0.39
C SER B 39 -2.66 8.01 -0.54
N ASN B 40 -2.02 6.87 -0.75
CA ASN B 40 -0.86 6.74 -1.61
C ASN B 40 0.28 7.63 -1.22
N PHE B 41 0.57 7.59 0.08
CA PHE B 41 1.83 8.13 0.58
C PHE B 41 3.00 7.30 0.08
N ILE B 42 2.72 6.06 -0.29
CA ILE B 42 3.73 5.14 -0.71
C ILE B 42 4.34 5.61 -2.00
N TYR B 43 3.51 5.88 -3.00
CA TYR B 43 4.02 6.25 -4.31
C TYR B 43 3.83 7.69 -4.67
N GLN B 44 3.02 8.40 -3.89
CA GLN B 44 2.93 9.85 -3.97
C GLN B 44 2.61 10.35 -5.35
N ASP B 45 1.40 10.04 -5.78
CA ASP B 45 0.93 10.39 -7.11
C ASP B 45 0.60 11.88 -7.21
N ALA B 46 0.68 12.39 -8.42
CA ALA B 46 0.38 13.78 -8.73
C ALA B 46 -1.05 14.14 -8.33
N THR B 47 -1.25 15.45 -8.13
CA THR B 47 -2.56 16.03 -7.89
C THR B 47 -3.13 16.55 -9.19
N HIS B 48 -4.44 16.44 -9.35
CA HIS B 48 -5.18 17.22 -10.35
C HIS B 48 -5.13 18.73 -10.01
N VAL B 49 -5.16 19.57 -11.05
CA VAL B 49 -5.07 21.02 -10.89
C VAL B 49 -6.45 21.65 -10.79
N ALA B 50 -6.86 22.05 -9.60
CA ALA B 50 -8.20 22.60 -9.42
C ALA B 50 -8.34 23.34 -8.09
N GLY B 51 -9.30 24.27 -8.04
CA GLY B 51 -9.55 25.11 -6.87
C GLY B 51 -8.26 25.74 -6.40
N LEU B 52 -7.96 25.60 -5.10
CA LEU B 52 -6.74 26.14 -4.49
C LEU B 52 -5.46 25.30 -4.81
N ILE B 53 -5.20 25.02 -6.09
CA ILE B 53 -4.08 24.16 -6.53
C ILE B 53 -3.64 24.62 -7.95
N ALA B 57 1.59 18.03 -8.92
CA ALA B 57 2.82 17.80 -8.15
C ALA B 57 2.56 17.40 -6.67
N PHE B 58 3.09 16.28 -6.21
CA PHE B 58 2.79 15.76 -4.85
C PHE B 58 3.41 16.60 -3.75
N VAL B 59 2.62 17.01 -2.77
CA VAL B 59 3.10 17.84 -1.66
C VAL B 59 2.72 17.09 -0.38
N GLU B 60 3.70 16.76 0.46
CA GLU B 60 3.44 15.90 1.63
C GLU B 60 2.46 16.49 2.66
N GLU B 61 2.57 17.78 2.93
CA GLU B 61 1.69 18.45 3.89
C GLU B 61 0.25 18.50 3.39
N ALA B 62 0.08 18.57 2.07
CA ALA B 62 -1.24 18.56 1.43
C ALA B 62 -1.96 17.19 1.51
N ARG B 63 -1.21 16.11 1.28
CA ARG B 63 -1.82 14.79 1.38
C ARG B 63 -2.05 14.44 2.84
N GLU B 64 -1.22 14.95 3.75
CA GLU B 64 -1.38 14.67 5.18
C GLU B 64 -2.74 15.19 5.67
N SER B 65 -3.16 16.31 5.09
CA SER B 65 -4.36 17.00 5.54
C SER B 65 -5.55 16.92 4.56
N GLY B 66 -5.36 16.28 3.42
CA GLY B 66 -6.45 16.03 2.49
C GLY B 66 -6.79 17.24 1.65
N GLU B 67 -5.78 18.05 1.32
CA GLU B 67 -6.05 19.33 0.67
C GLU B 67 -5.87 19.27 -0.83
N ASP B 68 -5.60 18.07 -1.35
CA ASP B 68 -5.34 17.92 -2.78
C ASP B 68 -6.24 16.89 -3.47
N TYR B 69 -6.17 16.88 -4.80
CA TYR B 69 -7.01 16.04 -5.66
C TYR B 69 -6.15 15.02 -6.39
N PRO B 70 -5.96 13.85 -5.76
CA PRO B 70 -5.09 12.83 -6.29
C PRO B 70 -5.49 12.28 -7.67
N THR B 71 -4.51 12.12 -8.55
CA THR B 71 -4.76 11.55 -9.87
C THR B 71 -4.96 10.05 -9.79
N VAL B 72 -4.36 9.40 -8.80
CA VAL B 72 -4.42 7.94 -8.71
C VAL B 72 -4.95 7.44 -7.36
N ALA B 73 -4.70 8.15 -6.27
CA ALA B 73 -5.01 7.63 -4.94
C ALA B 73 -6.49 7.34 -4.75
N HIS B 74 -6.78 6.41 -3.87
CA HIS B 74 -8.15 5.90 -3.75
C HIS B 74 -9.04 6.72 -2.84
N THR B 75 -8.42 7.65 -2.11
CA THR B 75 -9.17 8.65 -1.35
C THR B 75 -8.48 9.98 -1.42
N MET B 76 -9.28 11.03 -1.27
CA MET B 76 -8.78 12.42 -1.25
C MET B 76 -8.80 13.06 0.14
N ILE B 77 -9.21 12.32 1.15
CA ILE B 77 -9.43 12.94 2.44
C ILE B 77 -8.15 13.19 3.25
N GLY B 78 -7.05 12.59 2.81
CA GLY B 78 -5.79 12.71 3.52
C GLY B 78 -5.76 12.02 4.86
N MET B 79 -4.60 12.12 5.50
CA MET B 79 -4.25 11.30 6.63
C MET B 79 -4.91 11.69 7.95
N LYS B 80 -5.15 12.98 8.15
CA LYS B 80 -5.80 13.38 9.39
C LYS B 80 -7.23 12.91 9.45
N ARG B 81 -7.93 13.05 8.33
CA ARG B 81 -9.28 12.50 8.25
C ARG B 81 -9.38 10.95 8.25
N LEU B 82 -8.37 10.27 7.70
CA LEU B 82 -8.30 8.83 7.83
C LEU B 82 -8.10 8.45 9.28
N ASN B 83 -7.18 9.12 9.95
CA ASN B 83 -6.99 8.90 11.35
C ASN B 83 -8.27 9.16 12.14
N ASN B 84 -8.98 10.21 11.78
CA ASN B 84 -10.25 10.50 12.45
C ASN B 84 -11.20 9.35 12.29
N LEU B 85 -11.34 8.92 11.03
CA LEU B 85 -12.22 7.78 10.72
C LEU B 85 -11.86 6.56 11.53
N GLN B 86 -10.58 6.29 11.68
CA GLN B 86 -10.14 5.18 12.48
C GLN B 86 -10.52 5.34 13.96
N HIS B 87 -10.37 6.56 14.47
CA HIS B 87 -10.67 6.88 15.87
C HIS B 87 -12.15 6.62 16.14
N CYS B 88 -12.99 7.10 15.23
CA CYS B 88 -14.42 6.92 15.35
C CYS B 88 -14.81 5.44 15.35
N VAL B 89 -14.33 4.68 14.38
CA VAL B 89 -14.72 3.28 14.31
C VAL B 89 -14.20 2.54 15.52
N GLU B 90 -12.95 2.76 15.87
CA GLU B 90 -12.34 2.06 17.01
C GLU B 90 -13.06 2.42 18.30
N SER B 91 -13.34 3.71 18.48
CA SER B 91 -14.09 4.17 19.66
C SER B 91 -15.41 3.40 19.83
N ALA B 92 -16.12 3.27 18.71
CA ALA B 92 -17.40 2.61 18.68
C ALA B 92 -17.28 1.17 19.11
N LEU B 93 -16.33 0.46 18.52
CA LEU B 93 -16.18 -0.96 18.78
C LEU B 93 -15.86 -1.15 20.24
N ARG B 94 -14.86 -0.41 20.72
CA ARG B 94 -14.43 -0.49 22.11
C ARG B 94 -15.61 -0.23 23.05
N ASP B 95 -16.31 0.87 22.82
CA ASP B 95 -17.40 1.31 23.71
C ASP B 95 -18.76 0.61 23.43
N GLY B 96 -18.78 -0.46 22.62
CA GLY B 96 -20.02 -1.22 22.37
C GLY B 96 -21.15 -0.51 21.61
N VAL B 97 -20.85 0.62 20.99
CA VAL B 97 -21.83 1.38 20.23
C VAL B 97 -22.32 0.54 19.05
N PRO B 98 -23.62 0.23 19.03
CA PRO B 98 -24.09 -0.63 17.95
C PRO B 98 -24.30 0.10 16.62
N GLY B 99 -24.17 -0.65 15.54
CA GLY B 99 -24.49 -0.14 14.21
C GLY B 99 -23.41 -0.31 13.14
N ASP B 100 -23.78 0.07 11.92
CA ASP B 100 -22.90 0.01 10.76
C ASP B 100 -22.13 1.33 10.57
N VAL B 101 -21.37 1.39 9.49
CA VAL B 101 -20.62 2.56 9.09
C VAL B 101 -21.11 3.01 7.75
N LEU B 102 -21.35 4.27 7.53
CA LEU B 102 -21.81 4.67 6.23
C LEU B 102 -21.11 5.87 5.76
N GLU B 103 -20.65 5.87 4.53
CA GLU B 103 -20.12 7.09 3.97
C GLU B 103 -21.00 7.53 2.85
N THR B 104 -21.41 8.77 2.89
CA THR B 104 -22.12 9.35 1.79
C THR B 104 -21.18 10.21 0.97
N GLY B 105 -20.79 9.70 -0.20
CA GLY B 105 -19.81 10.37 -1.05
C GLY B 105 -18.48 9.65 -0.86
N VAL B 106 -18.13 8.74 -1.77
CA VAL B 106 -16.98 7.83 -1.57
C VAL B 106 -15.87 7.94 -2.58
N TRP B 107 -16.19 8.58 -3.71
CA TRP B 107 -15.27 8.76 -4.80
C TRP B 107 -14.73 7.40 -5.22
N ARG B 108 -13.43 7.14 -5.12
CA ARG B 108 -12.87 5.92 -5.58
C ARG B 108 -12.97 4.86 -4.52
N GLY B 109 -13.36 5.23 -3.31
CA GLY B 109 -13.73 4.26 -2.29
C GLY B 109 -12.78 4.07 -1.16
N GLY B 110 -11.63 4.74 -1.23
CA GLY B 110 -10.55 4.63 -0.26
C GLY B 110 -10.95 4.62 1.20
N ALA B 111 -11.84 5.53 1.58
CA ALA B 111 -12.17 5.67 2.97
C ALA B 111 -13.02 4.55 3.43
N CYS B 112 -13.92 4.11 2.55
CA CYS B 112 -14.73 2.90 2.81
C CYS B 112 -13.84 1.62 2.81
N ILE B 113 -12.86 1.58 1.90
CA ILE B 113 -11.91 0.48 1.86
C ILE B 113 -11.24 0.39 3.19
N PHE B 114 -10.76 1.55 3.67
CA PHE B 114 -10.08 1.61 4.94
C PHE B 114 -10.98 1.17 6.08
N ALA B 115 -12.22 1.66 6.03
CA ALA B 115 -13.22 1.31 7.01
C ALA B 115 -13.52 -0.18 7.02
N ARG B 116 -13.67 -0.79 5.85
CA ARG B 116 -13.84 -2.26 5.78
C ARG B 116 -12.57 -2.92 6.35
N GLY B 117 -11.42 -2.33 6.04
CA GLY B 117 -10.15 -2.75 6.64
C GLY B 117 -10.15 -2.77 8.15
N ILE B 118 -10.65 -1.72 8.76
CA ILE B 118 -10.65 -1.64 10.20
C ILE B 118 -11.42 -2.80 10.79
N LEU B 119 -12.55 -3.12 10.18
CA LEU B 119 -13.41 -4.19 10.69
C LEU B 119 -12.79 -5.54 10.48
N LYS B 120 -12.11 -5.70 9.35
CA LYS B 120 -11.36 -6.94 9.06
C LYS B 120 -10.23 -7.14 10.07
N ALA B 121 -9.46 -6.09 10.30
CA ALA B 121 -8.42 -6.11 11.31
C ALA B 121 -8.85 -6.62 12.68
N TYR B 122 -9.98 -6.15 13.20
CA TYR B 122 -10.48 -6.65 14.50
C TYR B 122 -11.46 -7.81 14.34
N ASP B 123 -11.54 -8.35 13.12
CA ASP B 123 -12.32 -9.55 12.88
C ASP B 123 -13.73 -9.35 13.41
N VAL B 124 -14.41 -8.37 12.82
CA VAL B 124 -15.78 -8.10 13.10
C VAL B 124 -16.61 -8.55 11.92
N ARG B 125 -17.59 -9.42 12.19
CA ARG B 125 -18.43 -9.96 11.13
C ARG B 125 -19.89 -9.59 11.29
N ASP B 126 -20.22 -8.76 12.29
CA ASP B 126 -21.61 -8.33 12.51
C ASP B 126 -21.93 -6.89 12.07
N ARG B 127 -21.00 -6.22 11.42
CA ARG B 127 -21.25 -4.85 10.96
C ARG B 127 -20.94 -4.73 9.48
N THR B 128 -21.54 -3.75 8.84
CA THR B 128 -21.40 -3.54 7.41
C THR B 128 -20.88 -2.13 7.12
N VAL B 129 -20.22 -2.00 5.98
CA VAL B 129 -19.78 -0.72 5.48
C VAL B 129 -20.66 -0.40 4.30
N TRP B 130 -21.35 0.72 4.40
CA TRP B 130 -22.29 1.13 3.39
C TRP B 130 -21.61 2.19 2.55
N VAL B 131 -21.70 2.05 1.24
CA VAL B 131 -20.95 2.87 0.32
C VAL B 131 -21.89 3.61 -0.59
N ALA B 132 -22.19 4.85 -0.27
CA ALA B 132 -23.29 5.56 -0.92
C ALA B 132 -22.78 6.61 -1.90
N ASP B 133 -23.29 6.62 -3.11
CA ASP B 133 -22.86 7.60 -4.08
C ASP B 133 -23.72 7.57 -5.34
N SER B 134 -23.81 8.72 -5.98
CA SER B 134 -24.33 8.78 -7.32
C SER B 134 -23.56 7.77 -8.18
N PHE B 135 -22.25 7.72 -7.99
CA PHE B 135 -21.30 6.99 -8.84
C PHE B 135 -21.20 7.67 -10.18
N GLN B 136 -21.55 8.95 -10.17
CA GLN B 136 -21.49 9.79 -11.36
C GLN B 136 -20.99 11.18 -11.03
N GLY B 137 -20.47 11.39 -9.81
CA GLY B 137 -19.99 12.71 -9.42
C GLY B 137 -21.10 13.58 -8.87
N PHE B 138 -20.88 14.89 -8.89
CA PHE B 138 -21.86 15.86 -8.37
C PHE B 138 -23.08 16.04 -9.27
N PRO B 139 -24.26 16.23 -8.64
CA PRO B 139 -25.49 16.44 -9.41
C PRO B 139 -25.47 17.74 -10.18
N LYS B 140 -26.13 17.74 -11.33
CA LYS B 140 -26.40 18.98 -12.04
C LYS B 140 -27.29 19.82 -11.15
N ILE B 141 -27.07 21.14 -11.21
CA ILE B 141 -27.85 22.08 -10.40
C ILE B 141 -29.26 22.30 -10.98
N THR B 142 -30.26 22.16 -10.13
CA THR B 142 -31.67 22.46 -10.45
C THR B 142 -32.12 23.75 -9.75
N ASP B 143 -33.33 24.20 -10.05
CA ASP B 143 -33.89 25.41 -9.43
C ASP B 143 -34.36 25.10 -8.02
N ASP B 144 -34.57 23.82 -7.69
CA ASP B 144 -34.69 23.35 -6.30
C ASP B 144 -33.49 23.73 -5.45
N ASP B 145 -32.29 23.60 -6.03
CA ASP B 145 -31.06 23.64 -5.26
C ASP B 145 -30.94 24.95 -4.44
N HIS B 146 -30.35 24.82 -3.24
CA HIS B 146 -30.06 25.95 -2.35
C HIS B 146 -29.14 26.96 -3.06
N PRO B 147 -29.36 28.29 -2.84
CA PRO B 147 -28.54 29.34 -3.51
C PRO B 147 -27.02 29.08 -3.52
N MET B 148 -26.47 28.75 -2.35
CA MET B 148 -25.04 28.47 -2.20
C MET B 148 -24.57 27.29 -3.06
N ASP B 149 -25.32 26.18 -3.05
CA ASP B 149 -25.06 25.03 -3.95
C ASP B 149 -25.10 25.43 -5.43
N ALA B 150 -25.90 26.44 -5.75
CA ALA B 150 -26.01 26.97 -7.12
C ALA B 150 -24.83 27.85 -7.43
N GLU B 151 -24.45 28.68 -6.46
CA GLU B 151 -23.32 29.58 -6.61
C GLU B 151 -22.03 28.83 -6.89
N MET B 152 -21.84 27.66 -6.28
CA MET B 152 -20.56 26.98 -6.49
C MET B 152 -20.57 25.85 -7.54
N ASN B 153 -21.76 25.35 -7.93
CA ASN B 153 -21.91 24.37 -9.01
C ASN B 153 -20.78 23.35 -8.98
N LEU B 154 -20.79 22.51 -7.96
CA LEU B 154 -19.75 21.50 -7.80
C LEU B 154 -19.71 20.51 -8.98
N HIS B 155 -20.84 20.35 -9.65
CA HIS B 155 -20.91 19.57 -10.87
C HIS B 155 -19.82 19.91 -11.91
N GLN B 156 -19.45 21.19 -12.04
CA GLN B 156 -18.46 21.62 -13.07
C GLN B 156 -17.05 21.04 -12.87
N TYR B 157 -16.72 20.69 -11.63
CA TYR B 157 -15.39 20.18 -11.29
C TYR B 157 -15.24 18.67 -11.49
N ASN B 158 -16.31 18.01 -11.96
CA ASN B 158 -16.31 16.57 -12.16
C ASN B 158 -15.23 16.01 -13.10
N GLU B 159 -15.12 16.57 -14.30
CA GLU B 159 -14.12 16.11 -15.27
C GLU B 159 -12.73 16.38 -14.69
N ALA B 160 -12.57 17.59 -14.16
CA ALA B 160 -11.27 18.14 -13.76
C ALA B 160 -10.61 17.36 -12.63
N VAL B 161 -11.43 16.72 -11.82
CA VAL B 161 -10.97 16.02 -10.64
C VAL B 161 -11.29 14.51 -10.75
N ASP B 162 -11.75 14.08 -11.93
CA ASP B 162 -12.04 12.65 -12.21
C ASP B 162 -12.98 12.09 -11.13
N LEU B 163 -14.06 12.82 -10.86
CA LEU B 163 -14.98 12.50 -9.76
C LEU B 163 -15.98 11.37 -10.13
N PRO B 164 -16.60 11.43 -11.35
CA PRO B 164 -17.46 10.34 -11.80
C PRO B 164 -16.71 9.01 -11.79
N THR B 165 -17.11 8.16 -10.86
CA THR B 165 -16.43 6.92 -10.61
C THR B 165 -17.49 5.88 -10.40
N SER B 166 -17.46 4.88 -11.30
CA SER B 166 -18.55 3.93 -11.45
C SER B 166 -18.59 2.95 -10.30
N LEU B 167 -19.74 2.44 -10.00
CA LEU B 167 -19.86 1.43 -8.99
C LEU B 167 -18.90 0.30 -9.26
N ALA B 168 -18.68 -0.03 -10.55
CA ALA B 168 -17.82 -1.16 -10.95
C ALA B 168 -16.33 -0.91 -10.58
N THR B 169 -15.84 0.25 -11.01
CA THR B 169 -14.52 0.75 -10.65
C THR B 169 -14.28 0.74 -9.14
N VAL B 170 -15.25 1.20 -8.38
CA VAL B 170 -15.11 1.21 -6.95
C VAL B 170 -14.98 -0.19 -6.37
N GLN B 171 -15.66 -1.13 -6.99
CA GLN B 171 -15.70 -2.52 -6.51
C GLN B 171 -14.39 -3.22 -6.75
N ARG B 172 -13.85 -2.90 -7.91
CA ARG B 172 -12.55 -3.36 -8.35
C ARG B 172 -11.50 -2.92 -7.32
N ASN B 173 -11.59 -1.67 -6.91
CA ASN B 173 -10.62 -1.14 -5.95
C ASN B 173 -10.69 -1.90 -4.64
N PHE B 174 -11.87 -2.05 -4.07
CA PHE B 174 -12.03 -2.93 -2.91
C PHE B 174 -11.35 -4.30 -3.11
N SER B 175 -11.57 -4.88 -4.28
CA SER B 175 -11.05 -6.21 -4.56
C SER B 175 -9.54 -6.18 -4.52
N ARG B 176 -8.94 -5.10 -5.00
CA ARG B 176 -7.49 -5.00 -5.02
C ARG B 176 -6.87 -5.08 -3.63
N TYR B 177 -7.57 -4.65 -2.58
CA TYR B 177 -7.08 -4.76 -1.21
C TYR B 177 -7.52 -6.03 -0.54
N GLY B 178 -8.24 -6.87 -1.26
CA GLY B 178 -8.78 -8.11 -0.71
C GLY B 178 -9.93 -7.89 0.27
N LEU B 179 -10.73 -6.84 0.02
CA LEU B 179 -11.69 -6.42 0.99
C LEU B 179 -13.08 -6.32 0.42
N LEU B 180 -13.28 -6.76 -0.82
CA LEU B 180 -14.60 -6.68 -1.41
C LEU B 180 -15.35 -7.91 -0.96
N ASP B 181 -16.35 -7.77 -0.10
CA ASP B 181 -17.14 -8.94 0.27
C ASP B 181 -18.51 -8.54 0.81
N ASP B 182 -19.24 -9.52 1.35
CA ASP B 182 -20.65 -9.32 1.70
C ASP B 182 -20.86 -8.31 2.84
N GLN B 183 -19.79 -7.97 3.59
CA GLN B 183 -19.87 -6.83 4.54
C GLN B 183 -19.58 -5.45 3.92
N VAL B 184 -19.55 -5.35 2.59
CA VAL B 184 -19.54 -4.07 1.91
C VAL B 184 -20.78 -4.00 1.04
N ARG B 185 -21.71 -3.09 1.35
CA ARG B 185 -22.91 -2.99 0.54
C ARG B 185 -22.96 -1.62 -0.12
N PHE B 186 -23.60 -1.52 -1.29
CA PHE B 186 -23.57 -0.31 -2.10
C PHE B 186 -24.94 0.33 -2.20
N LEU B 187 -24.93 1.66 -2.17
CA LEU B 187 -26.13 2.43 -2.33
C LEU B 187 -25.95 3.38 -3.51
N PRO B 188 -26.03 2.84 -4.75
CA PRO B 188 -25.93 3.74 -5.91
C PRO B 188 -27.19 4.59 -6.02
N GLY B 189 -26.99 5.87 -6.31
CA GLY B 189 -28.07 6.83 -6.45
C GLY B 189 -27.82 8.11 -5.66
N TRP B 190 -28.68 9.10 -5.93
CA TRP B 190 -28.62 10.36 -5.24
C TRP B 190 -29.18 10.14 -3.86
N PHE B 191 -28.66 10.90 -2.90
CA PHE B 191 -28.94 10.60 -1.51
C PHE B 191 -30.40 10.79 -1.20
N LYS B 192 -31.00 11.77 -1.85
CA LYS B 192 -32.44 12.02 -1.64
C LYS B 192 -33.26 10.78 -1.94
N ASP B 193 -32.82 10.00 -2.94
CA ASP B 193 -33.51 8.77 -3.39
C ASP B 193 -33.11 7.55 -2.53
N THR B 194 -31.80 7.40 -2.34
CA THR B 194 -31.23 6.23 -1.70
C THR B 194 -31.29 6.25 -0.19
N MET B 195 -31.27 7.43 0.44
CA MET B 195 -31.15 7.48 1.91
C MET B 195 -32.39 7.13 2.73
N PRO B 196 -33.57 7.72 2.39
CA PRO B 196 -34.73 7.60 3.28
C PRO B 196 -35.19 6.17 3.50
N THR B 197 -34.95 5.32 2.50
CA THR B 197 -35.42 3.96 2.47
C THR B 197 -34.28 2.93 2.45
N ALA B 198 -33.06 3.37 2.78
CA ALA B 198 -31.89 2.48 2.70
C ALA B 198 -31.98 1.39 3.75
N PRO B 199 -31.52 0.20 3.40
CA PRO B 199 -31.76 -1.00 4.23
C PRO B 199 -30.94 -1.17 5.52
N PHE B 200 -30.38 -0.11 6.09
CA PHE B 200 -29.63 -0.28 7.36
C PHE B 200 -30.49 0.17 8.53
N GLU B 201 -30.34 -0.52 9.66
CA GLU B 201 -31.17 -0.20 10.81
C GLU B 201 -30.52 0.80 11.73
N ARG B 202 -29.22 0.65 11.97
CA ARG B 202 -28.51 1.53 12.92
C ARG B 202 -27.09 1.88 12.42
N LEU B 203 -26.62 3.08 12.75
CA LEU B 203 -25.25 3.48 12.43
C LEU B 203 -24.40 3.73 13.68
N ALA B 204 -23.15 3.32 13.64
CA ALA B 204 -22.17 3.72 14.63
C ALA B 204 -21.34 4.92 14.12
N VAL B 205 -21.14 5.00 12.82
CA VAL B 205 -20.40 6.11 12.24
C VAL B 205 -21.03 6.58 10.96
N LEU B 206 -21.32 7.88 10.89
CA LEU B 206 -21.90 8.45 9.68
C LEU B 206 -20.94 9.49 9.13
N ARG B 207 -20.39 9.19 7.95
CA ARG B 207 -19.39 10.07 7.35
C ARG B 207 -20.00 10.75 6.17
N MET B 208 -20.17 12.06 6.30
CA MET B 208 -20.79 12.84 5.24
C MET B 208 -19.74 13.53 4.43
N ASP B 209 -19.72 13.27 3.14
CA ASP B 209 -18.73 13.87 2.25
C ASP B 209 -19.39 14.23 0.93
N GLY B 210 -20.41 15.06 0.98
CA GLY B 210 -21.09 15.51 -0.23
C GLY B 210 -20.73 16.92 -0.65
N ASP B 211 -20.06 17.67 0.24
CA ASP B 211 -19.59 19.04 -0.02
C ASP B 211 -20.72 20.08 -0.06
N SER B 212 -21.91 19.70 -0.55
CA SER B 212 -23.04 20.65 -0.72
C SER B 212 -23.99 20.74 0.47
N TYR B 213 -24.82 21.79 0.44
CA TYR B 213 -25.95 21.92 1.36
C TYR B 213 -26.90 20.74 1.16
N GLY B 214 -27.27 20.52 -0.08
CA GLY B 214 -28.15 19.42 -0.47
C GLY B 214 -27.75 18.04 0.03
N ALA B 215 -26.53 17.64 -0.28
CA ALA B 215 -26.06 16.32 0.11
C ALA B 215 -26.05 16.19 1.63
N THR B 216 -25.52 17.22 2.29
CA THR B 216 -25.41 17.20 3.72
C THR B 216 -26.77 17.18 4.36
N MET B 217 -27.70 17.97 3.83
CA MET B 217 -29.03 18.05 4.43
C MET B 217 -29.76 16.73 4.14
N ASP B 218 -29.68 16.26 2.89
CA ASP B 218 -30.26 14.96 2.50
C ASP B 218 -29.87 13.86 3.51
N VAL B 219 -28.61 13.84 3.95
CA VAL B 219 -28.12 12.70 4.72
C VAL B 219 -28.33 12.90 6.22
N LEU B 220 -28.19 14.12 6.69
CA LEU B 220 -28.52 14.38 8.07
C LEU B 220 -29.99 14.14 8.30
N THR B 221 -30.82 14.65 7.40
CA THR B 221 -32.28 14.46 7.48
C THR B 221 -32.68 12.99 7.56
N HIS B 222 -32.23 12.21 6.58
CA HIS B 222 -32.71 10.82 6.39
C HIS B 222 -31.86 9.72 7.05
N ALA B 223 -30.59 10.05 7.35
CA ALA B 223 -29.67 9.08 7.94
C ALA B 223 -29.27 9.33 9.40
N TYR B 224 -29.15 10.59 9.81
CA TYR B 224 -28.73 10.88 11.18
C TYR B 224 -29.60 10.26 12.29
N PRO B 225 -30.92 10.12 12.06
CA PRO B 225 -31.76 9.52 13.10
C PRO B 225 -31.40 8.10 13.48
N ARG B 226 -30.78 7.40 12.55
CA ARG B 226 -30.33 6.02 12.78
C ARG B 226 -28.94 5.90 13.39
N LEU B 227 -28.28 7.03 13.60
CA LEU B 227 -26.97 7.05 14.28
C LEU B 227 -27.11 6.73 15.75
N SER B 228 -26.67 5.55 16.17
CA SER B 228 -26.79 5.19 17.58
C SER B 228 -26.29 6.28 18.49
N PRO B 229 -26.91 6.43 19.67
CA PRO B 229 -26.27 7.26 20.68
C PRO B 229 -24.88 6.68 20.99
N GLY B 230 -23.90 7.57 21.11
CA GLY B 230 -22.50 7.18 21.22
C GLY B 230 -21.79 7.18 19.87
N GLY B 231 -22.55 7.24 18.78
CA GLY B 231 -21.94 7.15 17.47
C GLY B 231 -21.32 8.45 17.05
N PHE B 232 -20.78 8.50 15.84
CA PHE B 232 -20.03 9.68 15.38
C PHE B 232 -20.54 10.16 14.05
N ALA B 233 -20.61 11.48 13.92
CA ALA B 233 -21.05 12.15 12.71
C ALA B 233 -19.88 12.98 12.23
N ILE B 234 -19.48 12.77 11.01
CA ILE B 234 -18.36 13.41 10.46
C ILE B 234 -18.78 14.21 9.28
N ILE B 235 -18.39 15.46 9.28
CA ILE B 235 -18.60 16.34 8.15
C ILE B 235 -17.23 16.55 7.58
N ASP B 236 -17.05 16.12 6.35
CA ASP B 236 -15.78 16.23 5.66
C ASP B 236 -15.43 17.65 5.24
N ASP B 237 -16.41 18.48 4.94
CA ASP B 237 -16.10 19.80 4.41
C ASP B 237 -16.84 20.94 5.07
N TYR B 238 -16.75 20.96 6.38
CA TYR B 238 -17.32 22.01 7.21
C TYR B 238 -16.87 23.42 6.78
N CYS B 239 -15.71 23.52 6.15
CA CYS B 239 -15.18 24.81 5.71
C CYS B 239 -15.95 25.36 4.51
N ILE B 240 -16.66 24.51 3.79
CA ILE B 240 -17.49 24.99 2.69
C ILE B 240 -18.76 25.64 3.24
N PRO B 241 -18.99 26.93 2.98
CA PRO B 241 -20.16 27.55 3.62
C PRO B 241 -21.50 26.82 3.39
N ALA B 242 -21.77 26.39 2.17
CA ALA B 242 -23.07 25.76 1.91
C ALA B 242 -23.34 24.58 2.89
N CYS B 243 -22.30 23.81 3.12
CA CYS B 243 -22.31 22.65 3.99
C CYS B 243 -22.49 23.02 5.44
N ARG B 244 -21.66 23.98 5.88
CA ARG B 244 -21.76 24.52 7.23
C ARG B 244 -23.21 25.00 7.52
N GLU B 245 -23.80 25.71 6.57
CA GLU B 245 -25.19 26.15 6.70
C GLU B 245 -26.11 24.99 7.06
N ALA B 246 -25.98 23.91 6.29
CA ALA B 246 -26.85 22.77 6.49
C ALA B 246 -26.62 22.16 7.85
N VAL B 247 -25.37 22.14 8.27
CA VAL B 247 -25.07 21.50 9.51
C VAL B 247 -25.77 22.25 10.65
N HIS B 248 -25.82 23.57 10.54
CA HIS B 248 -26.37 24.38 11.66
C HIS B 248 -27.87 24.42 11.65
N GLU B 249 -28.40 24.66 10.48
CA GLU B 249 -29.82 24.51 10.26
C GLU B 249 -30.32 23.17 10.84
N TYR B 250 -29.66 22.07 10.48
CA TYR B 250 -30.06 20.78 11.01
C TYR B 250 -29.86 20.69 12.53
N ARG B 251 -28.70 21.12 13.04
CA ARG B 251 -28.45 21.08 14.52
C ARG B 251 -29.41 21.95 15.37
N ASP B 252 -29.77 23.11 14.82
CA ASP B 252 -30.77 24.02 15.42
C ASP B 252 -32.10 23.34 15.48
N ARG B 253 -32.54 22.87 14.32
CA ARG B 253 -33.82 22.25 14.22
C ARG B 253 -33.99 21.14 15.25
N HIS B 254 -32.96 20.33 15.51
CA HIS B 254 -33.16 19.16 16.37
C HIS B 254 -32.64 19.35 17.77
N GLY B 255 -32.23 20.59 18.11
CA GLY B 255 -31.73 20.93 19.42
C GLY B 255 -30.43 20.20 19.74
N ILE B 256 -29.62 19.94 18.71
CA ILE B 256 -28.39 19.17 18.89
C ILE B 256 -27.29 20.12 19.31
N SER B 257 -26.70 19.85 20.47
CA SER B 257 -25.64 20.72 20.96
C SER B 257 -24.32 19.96 21.26
N ASP B 258 -24.12 18.81 20.64
CA ASP B 258 -22.93 18.03 20.85
C ASP B 258 -21.77 18.80 20.22
N GLU B 259 -20.67 18.95 20.98
CA GLU B 259 -19.49 19.70 20.58
C GLU B 259 -18.95 19.35 19.18
N ILE B 260 -18.78 20.38 18.35
CA ILE B 260 -18.16 20.22 17.05
C ILE B 260 -16.63 20.29 17.15
N VAL B 261 -15.96 19.17 16.87
CA VAL B 261 -14.51 19.04 17.03
C VAL B 261 -13.83 19.06 15.68
N GLU B 262 -12.83 19.91 15.51
CA GLU B 262 -12.14 20.06 14.23
C GLU B 262 -11.14 18.93 14.05
N ILE B 263 -10.89 18.54 12.81
CA ILE B 263 -9.99 17.44 12.52
C ILE B 263 -8.71 17.91 11.86
N ASP B 264 -8.89 18.72 10.82
CA ASP B 264 -7.84 19.41 10.11
C ASP B 264 -8.35 20.78 9.64
N ARG B 265 -8.00 21.23 8.46
CA ARG B 265 -8.40 22.55 7.95
C ARG B 265 -9.80 22.61 7.37
N GLN B 266 -10.49 21.47 7.30
CA GLN B 266 -11.85 21.43 6.71
C GLN B 266 -12.84 20.45 7.35
N GLY B 267 -12.38 19.32 7.84
CA GLY B 267 -13.27 18.36 8.46
C GLY B 267 -13.48 18.55 9.94
N VAL B 268 -14.70 18.23 10.38
CA VAL B 268 -15.07 18.27 11.81
C VAL B 268 -15.92 17.07 12.12
N TYR B 269 -16.12 16.80 13.40
CA TYR B 269 -17.04 15.75 13.78
C TYR B 269 -17.66 16.00 15.14
N TRP B 270 -18.82 15.41 15.39
CA TRP B 270 -19.30 15.34 16.74
C TRP B 270 -19.72 13.96 17.12
N ARG B 271 -19.69 13.68 18.43
CA ARG B 271 -20.19 12.43 19.00
C ARG B 271 -21.59 12.67 19.55
N ARG B 272 -22.54 11.83 19.14
CA ARG B 272 -23.92 11.96 19.55
C ARG B 272 -24.14 11.45 20.98
N SER B 273 -24.67 12.30 21.85
CA SER B 273 -25.18 11.84 23.13
C SER B 273 -26.68 11.75 22.99
N ALA B 274 -27.30 10.95 23.86
CA ALA B 274 -28.75 10.65 23.85
C ALA B 274 -29.65 11.69 23.17
#